data_5KK4
#
_entry.id   5KK4
#
_cell.length_a   107.470
_cell.length_b   62.327
_cell.length_c   53.644
_cell.angle_alpha   90.00
_cell.angle_beta   118.69
_cell.angle_gamma   90.00
#
_symmetry.space_group_name_H-M   'C 1 2 1'
#
loop_
_entity.id
_entity.type
_entity.pdbx_description
1 polymer NsD7
2 non-polymer 1,2-ETHANEDIOL
3 non-polymer 'SULFATE ION'
4 non-polymer 'ACETATE ION'
5 non-polymer '(2R)-3-(phosphonooxy)propane-1,2-diyl dihexanoate'
6 water water
#
_entity_poly.entity_id   1
_entity_poly.type   'polypeptide(L)'
_entity_poly.pdbx_seq_one_letter_code
;AKDCKRESNTFPGICITKPPCRKACIREKFTDGHCSKILRRCLCTKPC
;
_entity_poly.pdbx_strand_id   A,B,C,D,E,F
#
loop_
_chem_comp.id
_chem_comp.type
_chem_comp.name
_chem_comp.formula
44E non-polymer '(2R)-3-(phosphonooxy)propane-1,2-diyl dihexanoate' 'C15 H29 O8 P'
ACT non-polymer 'ACETATE ION' 'C2 H3 O2 -1'
EDO non-polymer 1,2-ETHANEDIOL 'C2 H6 O2'
SO4 non-polymer 'SULFATE ION' 'O4 S -2'
#
# COMPACT_ATOMS: atom_id res chain seq x y z
N LYS A 2 -3.69 13.81 24.10
CA LYS A 2 -2.31 14.30 23.86
C LYS A 2 -2.32 15.82 23.80
N ASP A 3 -1.15 16.42 23.97
CA ASP A 3 -1.04 17.87 23.98
C ASP A 3 -0.96 18.42 22.55
N CYS A 4 -1.44 19.64 22.37
CA CYS A 4 -1.15 20.40 21.16
C CYS A 4 0.28 20.93 21.19
N LYS A 5 0.84 21.16 19.99
CA LYS A 5 2.18 21.69 19.80
C LYS A 5 2.16 22.93 18.90
N ARG A 6 2.99 23.92 19.23
CA ARG A 6 3.24 25.04 18.34
C ARG A 6 4.66 25.55 18.60
N GLU A 7 5.40 25.86 17.54
CA GLU A 7 6.75 26.36 17.75
C GLU A 7 6.70 27.67 18.53
N SER A 8 7.65 27.84 19.44
CA SER A 8 7.78 29.08 20.19
C SER A 8 8.00 30.26 19.24
N ASN A 9 7.31 31.37 19.54
CA ASN A 9 7.49 32.61 18.80
C ASN A 9 8.54 33.52 19.42
N THR A 10 9.02 33.21 20.64
CA THR A 10 9.98 34.05 21.35
C THR A 10 11.35 33.40 21.54
N PHE A 11 11.44 32.08 21.56
CA PHE A 11 12.73 31.43 21.84
C PHE A 11 13.75 31.71 20.73
N PRO A 12 14.91 32.31 21.06
CA PRO A 12 15.93 32.60 20.06
C PRO A 12 16.91 31.47 19.82
N GLY A 13 17.38 31.40 18.57
CA GLY A 13 18.48 30.53 18.23
C GLY A 13 18.16 29.05 18.31
N ILE A 14 19.18 28.26 18.64
CA ILE A 14 19.11 26.81 18.57
C ILE A 14 18.68 26.26 19.93
N CYS A 15 17.73 25.34 19.91
CA CYS A 15 17.24 24.70 21.12
C CYS A 15 18.22 23.58 21.51
N ILE A 16 18.94 23.78 22.60
CA ILE A 16 19.92 22.81 23.10
C ILE A 16 19.37 21.98 24.26
N THR A 17 18.87 22.63 25.30
CA THR A 17 18.27 21.96 26.45
C THR A 17 16.84 22.42 26.73
N LYS A 18 16.17 21.64 27.58
CA LYS A 18 14.75 21.87 27.86
C LYS A 18 14.48 23.16 28.63
N PRO A 19 15.17 23.47 29.74
CA PRO A 19 14.67 24.51 30.66
C PRO A 19 14.41 25.85 29.97
N PRO A 20 15.33 26.35 29.15
CA PRO A 20 15.10 27.66 28.50
C PRO A 20 13.90 27.65 27.57
N CYS A 21 13.71 26.54 26.88
CA CYS A 21 12.56 26.41 25.98
C CYS A 21 11.27 26.32 26.79
N ARG A 22 11.26 25.49 27.84
CA ARG A 22 10.10 25.45 28.73
C ARG A 22 9.76 26.84 29.26
N LYS A 23 10.79 27.59 29.69
CA LYS A 23 10.55 28.93 30.25
C LYS A 23 9.93 29.86 29.21
N ALA A 24 10.44 29.80 27.97
CA ALA A 24 9.87 30.64 26.93
C ALA A 24 8.42 30.26 26.66
N CYS A 25 8.14 28.97 26.64
CA CYS A 25 6.81 28.51 26.29
C CYS A 25 5.80 28.82 27.38
N ILE A 26 6.23 28.80 28.64
CA ILE A 26 5.31 29.15 29.72
C ILE A 26 4.99 30.64 29.68
N ARG A 27 5.96 31.47 29.29
CA ARG A 27 5.66 32.89 29.12
C ARG A 27 4.64 33.10 28.02
N GLU A 28 4.67 32.26 26.98
CA GLU A 28 3.69 32.29 25.89
C GLU A 28 2.39 31.58 26.27
N LYS A 29 2.23 31.26 27.55
CA LYS A 29 1.00 30.71 28.12
C LYS A 29 0.73 29.26 27.69
N PHE A 30 1.76 28.53 27.31
CA PHE A 30 1.70 27.07 27.18
C PHE A 30 2.11 26.46 28.51
N THR A 31 1.96 25.14 28.63
CA THR A 31 2.30 24.50 29.89
C THR A 31 3.68 23.86 29.92
N ASP A 32 4.33 23.66 28.76
CA ASP A 32 5.66 23.09 28.73
C ASP A 32 6.29 23.41 27.38
N GLY A 33 7.55 23.05 27.24
CA GLY A 33 8.24 23.17 25.97
C GLY A 33 9.38 22.18 25.92
N HIS A 34 9.76 21.79 24.70
CA HIS A 34 10.88 20.88 24.52
C HIS A 34 11.52 21.14 23.17
N CYS A 35 12.79 20.75 23.05
CA CYS A 35 13.50 20.87 21.78
C CYS A 35 13.07 19.76 20.82
N SER A 36 12.85 20.11 19.56
CA SER A 36 12.69 19.07 18.56
C SER A 36 14.04 18.42 18.30
N LYS A 37 14.07 17.08 18.26
CA LYS A 37 15.34 16.36 18.30
C LYS A 37 16.19 16.66 17.07
N ILE A 38 15.56 16.87 15.91
CA ILE A 38 16.27 17.06 14.66
C ILE A 38 16.56 18.52 14.37
N LEU A 39 15.51 19.30 14.12
CA LEU A 39 15.69 20.68 13.69
C LEU A 39 16.05 21.62 14.83
N ARG A 40 15.99 21.15 16.07
CA ARG A 40 16.36 21.95 17.23
C ARG A 40 15.51 23.21 17.35
N ARG A 41 14.23 23.10 17.02
CA ARG A 41 13.26 24.16 17.27
C ARG A 41 12.67 23.99 18.66
N CYS A 42 12.32 25.11 19.29
CA CYS A 42 11.66 25.08 20.59
C CYS A 42 10.16 24.93 20.37
N LEU A 43 9.61 23.82 20.82
CA LEU A 43 8.21 23.46 20.57
C LEU A 43 7.44 23.55 21.88
N CYS A 44 6.48 24.46 21.92
CA CYS A 44 5.57 24.61 23.05
C CYS A 44 4.43 23.60 23.01
N THR A 45 4.02 23.14 24.19
CA THR A 45 2.95 22.16 24.29
C THR A 45 1.95 22.60 25.34
N LYS A 46 0.68 22.32 25.09
CA LYS A 46 -0.36 22.52 26.08
C LYS A 46 -1.55 21.64 25.74
N PRO A 47 -2.34 21.25 26.73
CA PRO A 47 -3.62 20.61 26.43
C PRO A 47 -4.49 21.50 25.57
N CYS A 48 -5.24 20.86 24.68
CA CYS A 48 -6.10 21.56 23.74
C CYS A 48 -7.26 20.64 23.36
N LYS B 2 0.60 31.47 14.42
CA LYS B 2 0.63 30.09 13.87
C LYS B 2 -0.36 29.22 14.61
N ASP B 3 -0.74 28.11 13.99
CA ASP B 3 -1.75 27.23 14.57
C ASP B 3 -1.09 26.19 15.46
N CYS B 4 -1.88 25.68 16.41
CA CYS B 4 -1.55 24.48 17.17
C CYS B 4 -1.78 23.24 16.31
N LYS B 5 -1.04 22.18 16.64
CA LYS B 5 -1.10 20.96 15.85
C LYS B 5 -1.09 19.75 16.78
N ARG B 6 -1.86 18.74 16.41
CA ARG B 6 -1.91 17.48 17.13
C ARG B 6 -2.35 16.39 16.17
N GLU B 7 -1.75 15.21 16.27
CA GLU B 7 -2.20 14.11 15.41
C GLU B 7 -3.65 13.76 15.70
N SER B 8 -4.38 13.38 14.64
CA SER B 8 -5.76 12.94 14.81
C SER B 8 -5.85 11.69 15.68
N ASN B 9 -6.82 11.69 16.59
CA ASN B 9 -7.11 10.51 17.38
C ASN B 9 -8.10 9.56 16.72
N THR B 10 -8.85 10.02 15.71
CA THR B 10 -9.89 9.21 15.10
C THR B 10 -9.60 8.76 13.68
N PHE B 11 -8.69 9.43 12.97
CA PHE B 11 -8.44 9.08 11.56
C PHE B 11 -7.78 7.72 11.46
N PRO B 12 -8.37 6.76 10.75
CA PRO B 12 -7.77 5.44 10.60
C PRO B 12 -6.88 5.32 9.37
N GLY B 13 -5.87 4.44 9.48
CA GLY B 13 -5.03 4.07 8.35
C GLY B 13 -4.04 5.14 7.89
N ILE B 14 -3.63 5.00 6.62
CA ILE B 14 -2.62 5.85 5.99
C ILE B 14 -3.31 7.10 5.48
N CYS B 15 -2.73 8.26 5.76
CA CYS B 15 -3.28 9.51 5.27
C CYS B 15 -2.77 9.73 3.85
N ILE B 16 -3.69 9.69 2.88
CA ILE B 16 -3.38 9.84 1.46
C ILE B 16 -3.81 11.22 0.94
N THR B 17 -5.09 11.53 1.03
CA THR B 17 -5.61 12.82 0.58
C THR B 17 -6.11 13.62 1.78
N LYS B 18 -6.23 14.93 1.56
CA LYS B 18 -6.54 15.85 2.64
C LYS B 18 -7.98 15.79 3.14
N PRO B 19 -9.00 15.75 2.29
CA PRO B 19 -10.40 15.93 2.77
C PRO B 19 -10.76 14.99 3.91
N PRO B 20 -10.46 13.69 3.82
CA PRO B 20 -10.82 12.81 4.94
C PRO B 20 -10.12 13.20 6.24
N CYS B 21 -8.86 13.59 6.15
CA CYS B 21 -8.15 14.02 7.34
C CYS B 21 -8.78 15.29 7.91
N ARG B 22 -9.02 16.27 7.04
CA ARG B 22 -9.71 17.49 7.45
C ARG B 22 -11.03 17.18 8.14
N LYS B 23 -11.83 16.24 7.59
CA LYS B 23 -13.13 15.93 8.18
C LYS B 23 -12.98 15.34 9.57
N ALA B 24 -12.06 14.39 9.74
CA ALA B 24 -11.78 13.84 11.06
C ALA B 24 -11.39 14.94 12.03
N CYS B 25 -10.54 15.86 11.59
CA CYS B 25 -10.03 16.88 12.49
C CYS B 25 -11.12 17.86 12.88
N ILE B 26 -12.04 18.17 11.96
CA ILE B 26 -13.14 19.06 12.32
C ILE B 26 -14.10 18.36 13.27
N ARG B 27 -14.33 17.07 13.06
CA ARG B 27 -15.08 16.28 14.02
C ARG B 27 -14.41 16.28 15.39
N GLU B 28 -13.08 16.36 15.44
CA GLU B 28 -12.36 16.47 16.71
C GLU B 28 -12.24 17.90 17.21
N LYS B 29 -12.98 18.84 16.61
CA LYS B 29 -13.09 20.24 17.04
C LYS B 29 -11.85 21.07 16.72
N PHE B 30 -11.06 20.65 15.73
CA PHE B 30 -10.01 21.47 15.13
C PHE B 30 -10.62 22.18 13.92
N THR B 31 -9.82 22.99 13.22
CA THR B 31 -10.32 23.76 12.08
C THR B 31 -9.80 23.26 10.74
N ASP B 32 -8.76 22.42 10.73
CA ASP B 32 -8.27 21.84 9.50
C ASP B 32 -7.46 20.60 9.87
N GLY B 33 -7.08 19.85 8.83
CA GLY B 33 -6.14 18.75 8.98
C GLY B 33 -5.40 18.56 7.67
N HIS B 34 -4.25 17.90 7.75
CA HIS B 34 -3.48 17.63 6.54
C HIS B 34 -2.61 16.41 6.80
N CYS B 35 -2.30 15.68 5.73
CA CYS B 35 -1.39 14.54 5.85
C CYS B 35 0.06 14.98 6.05
N SER B 36 0.77 14.29 6.95
CA SER B 36 2.21 14.53 7.08
C SER B 36 2.88 13.95 5.84
N LYS B 37 3.79 14.71 5.23
CA LYS B 37 4.31 14.28 3.94
C LYS B 37 5.10 12.99 4.05
N ILE B 38 5.80 12.76 5.15
CA ILE B 38 6.68 11.60 5.22
C ILE B 38 6.02 10.40 5.91
N LEU B 39 5.52 10.56 7.12
CA LEU B 39 4.95 9.42 7.87
C LEU B 39 3.49 9.15 7.54
N ARG B 40 2.87 10.02 6.75
CA ARG B 40 1.48 9.86 6.30
C ARG B 40 0.52 9.77 7.48
N ARG B 41 0.75 10.60 8.49
CA ARG B 41 -0.18 10.71 9.60
C ARG B 41 -1.13 11.88 9.35
N CYS B 42 -2.33 11.77 9.91
CA CYS B 42 -3.30 12.85 9.81
C CYS B 42 -3.05 13.81 10.97
N LEU B 43 -2.65 15.03 10.65
CA LEU B 43 -2.31 16.04 11.65
C LEU B 43 -3.40 17.12 11.66
N CYS B 44 -4.02 17.30 12.82
CA CYS B 44 -5.01 18.35 12.99
C CYS B 44 -4.38 19.67 13.41
N THR B 45 -5.02 20.76 12.98
CA THR B 45 -4.56 22.11 13.29
C THR B 45 -5.72 23.01 13.70
N LYS B 46 -5.47 23.90 14.65
CA LYS B 46 -6.45 24.89 15.06
C LYS B 46 -5.73 26.05 15.76
N PRO B 47 -6.33 27.23 15.79
CA PRO B 47 -5.71 28.36 16.50
C PRO B 47 -5.45 28.02 17.95
N CYS B 48 -4.23 28.33 18.42
CA CYS B 48 -3.81 28.03 19.79
C CYS B 48 -4.35 29.01 20.82
N LYS C 2 -4.58 10.31 -21.76
CA LYS C 2 -3.83 10.27 -20.48
C LYS C 2 -2.32 10.39 -20.67
N ASP C 3 -1.65 10.75 -19.58
CA ASP C 3 -0.22 11.07 -19.61
C ASP C 3 0.61 9.87 -19.18
N CYS C 4 1.76 9.72 -19.83
CA CYS C 4 2.81 8.81 -19.40
C CYS C 4 3.53 9.37 -18.18
N LYS C 5 4.05 8.47 -17.35
CA LYS C 5 4.73 8.83 -16.12
C LYS C 5 6.08 8.11 -16.03
N ARG C 6 7.09 8.85 -15.56
CA ARG C 6 8.42 8.29 -15.38
C ARG C 6 9.13 9.08 -14.29
N GLU C 7 9.92 8.39 -13.46
CA GLU C 7 10.67 9.09 -12.43
C GLU C 7 11.69 10.05 -13.06
N SER C 8 11.83 11.23 -12.46
CA SER C 8 12.81 12.21 -12.89
C SER C 8 14.24 11.66 -12.82
N ASN C 9 15.01 11.94 -13.89
CA ASN C 9 16.41 11.57 -13.95
C ASN C 9 17.34 12.60 -13.34
N THR C 10 16.87 13.84 -13.20
CA THR C 10 17.73 14.92 -12.76
C THR C 10 17.37 15.48 -11.39
N PHE C 11 16.15 15.23 -10.92
CA PHE C 11 15.75 15.81 -9.64
C PHE C 11 16.60 15.23 -8.52
N PRO C 12 17.37 16.04 -7.80
CA PRO C 12 18.18 15.51 -6.70
C PRO C 12 17.41 15.47 -5.40
N GLY C 13 17.79 14.53 -4.54
CA GLY C 13 17.21 14.49 -3.21
C GLY C 13 15.78 13.97 -3.21
N ILE C 14 15.02 14.40 -2.20
CA ILE C 14 13.70 13.87 -1.89
C ILE C 14 12.62 14.86 -2.31
N CYS C 15 11.51 14.36 -2.85
CA CYS C 15 10.45 15.23 -3.34
C CYS C 15 9.58 15.66 -2.16
N ILE C 16 9.62 16.96 -1.84
CA ILE C 16 8.88 17.54 -0.73
C ILE C 16 7.67 18.30 -1.26
N THR C 17 7.92 19.29 -2.12
CA THR C 17 6.86 20.06 -2.73
C THR C 17 6.88 19.92 -4.24
N LYS C 18 5.76 20.26 -4.87
CA LYS C 18 5.59 20.07 -6.29
C LYS C 18 6.54 20.93 -7.15
N PRO C 19 6.66 22.24 -6.90
CA PRO C 19 7.27 23.09 -7.94
C PRO C 19 8.69 22.70 -8.29
N PRO C 20 9.53 22.32 -7.32
CA PRO C 20 10.89 21.91 -7.67
C PRO C 20 10.92 20.68 -8.56
N CYS C 21 9.98 19.77 -8.33
CA CYS C 21 9.87 18.56 -9.15
C CYS C 21 9.36 18.88 -10.54
N ARG C 22 8.28 19.67 -10.62
CA ARG C 22 7.80 20.16 -11.91
C ARG C 22 8.93 20.82 -12.70
N LYS C 23 9.74 21.67 -12.03
CA LYS C 23 10.83 22.38 -12.72
C LYS C 23 11.79 21.39 -13.36
N ALA C 24 12.20 20.38 -12.60
CA ALA C 24 13.13 19.39 -13.13
C ALA C 24 12.51 18.61 -14.27
N CYS C 25 11.22 18.28 -14.14
CA CYS C 25 10.56 17.48 -15.17
C CYS C 25 10.42 18.26 -16.46
N ILE C 26 10.18 19.58 -16.35
CA ILE C 26 10.10 20.39 -17.56
C ILE C 26 11.47 20.49 -18.22
N ARG C 27 12.53 20.56 -17.40
CA ARG C 27 13.90 20.52 -17.94
C ARG C 27 14.12 19.28 -18.80
N GLU C 28 13.54 18.16 -18.38
CA GLU C 28 13.63 16.86 -19.05
C GLU C 28 12.60 16.69 -20.15
N LYS C 29 11.85 17.74 -20.47
CA LYS C 29 10.93 17.81 -21.61
C LYS C 29 9.62 17.10 -21.34
N PHE C 30 9.29 16.91 -20.08
CA PHE C 30 7.96 16.52 -19.66
C PHE C 30 7.16 17.79 -19.39
N THR C 31 5.86 17.64 -19.16
CA THR C 31 5.01 18.81 -18.98
C THR C 31 4.69 19.11 -17.51
N ASP C 32 4.87 18.16 -16.61
CA ASP C 32 4.57 18.40 -15.20
C ASP C 32 5.30 17.36 -14.37
N GLY C 33 5.22 17.54 -13.06
CA GLY C 33 5.81 16.58 -12.15
C GLY C 33 5.08 16.65 -10.82
N HIS C 34 5.15 15.54 -10.09
CA HIS C 34 4.52 15.49 -8.78
C HIS C 34 5.30 14.54 -7.89
N CYS C 35 5.10 14.70 -6.58
CA CYS C 35 5.74 13.82 -5.62
C CYS C 35 4.92 12.55 -5.41
N SER C 36 5.59 11.41 -5.36
CA SER C 36 4.93 10.18 -4.95
C SER C 36 4.75 10.20 -3.43
N LYS C 37 3.69 9.56 -2.96
CA LYS C 37 3.25 9.96 -1.62
C LYS C 37 4.05 9.29 -0.51
N ILE C 38 4.54 8.08 -0.69
CA ILE C 38 5.28 7.37 0.36
C ILE C 38 6.79 7.42 0.11
N LEU C 39 7.25 7.08 -1.10
CA LEU C 39 8.68 7.11 -1.35
C LEU C 39 9.21 8.51 -1.61
N ARG C 40 8.33 9.47 -1.87
CA ARG C 40 8.73 10.84 -2.12
C ARG C 40 9.65 10.92 -3.32
N ARG C 41 9.30 10.20 -4.39
CA ARG C 41 10.01 10.32 -5.66
C ARG C 41 9.42 11.46 -6.46
N CYS C 42 10.24 12.04 -7.34
CA CYS C 42 9.76 13.04 -8.28
C CYS C 42 9.37 12.31 -9.54
N LEU C 43 8.08 12.34 -9.85
CA LEU C 43 7.54 11.64 -11.00
C LEU C 43 7.12 12.64 -12.06
N CYS C 44 7.69 12.49 -13.24
CA CYS C 44 7.37 13.37 -14.36
C CYS C 44 6.22 12.80 -15.17
N THR C 45 5.38 13.69 -15.71
CA THR C 45 4.28 13.26 -16.56
C THR C 45 4.31 14.05 -17.87
N LYS C 46 3.92 13.40 -18.97
CA LYS C 46 3.77 14.09 -20.24
C LYS C 46 2.81 13.30 -21.13
N PRO C 47 2.27 13.93 -22.16
CA PRO C 47 1.48 13.22 -23.16
C PRO C 47 2.28 12.09 -23.79
N CYS C 48 1.59 10.97 -24.02
CA CYS C 48 2.21 9.80 -24.62
C CYS C 48 2.14 9.85 -26.14
N LYS D 2 15.18 4.14 -18.05
CA LYS D 2 13.89 4.42 -17.35
C LYS D 2 12.73 4.39 -18.38
N ASP D 3 11.68 3.61 -18.10
CA ASP D 3 10.54 3.50 -19.02
C ASP D 3 9.40 4.42 -18.55
N CYS D 4 8.64 4.95 -19.51
CA CYS D 4 7.36 5.62 -19.25
C CYS D 4 6.26 4.58 -19.12
N LYS D 5 5.25 4.92 -18.31
CA LYS D 5 4.15 4.00 -18.02
C LYS D 5 2.82 4.73 -18.08
N ARG D 6 1.80 4.05 -18.60
CA ARG D 6 0.45 4.55 -18.43
C ARG D 6 -0.55 3.42 -18.70
N GLU D 7 -1.75 3.60 -18.18
CA GLU D 7 -2.76 2.56 -18.30
C GLU D 7 -3.19 2.38 -19.74
N SER D 8 -3.37 1.13 -20.11
CA SER D 8 -3.86 0.80 -21.43
C SER D 8 -5.21 1.44 -21.65
N ASN D 9 -5.37 2.04 -22.82
CA ASN D 9 -6.66 2.58 -23.22
C ASN D 9 -7.53 1.56 -23.93
N THR D 10 -6.98 0.43 -24.36
CA THR D 10 -7.76 -0.51 -25.16
C THR D 10 -7.99 -1.85 -24.48
N PHE D 11 -7.25 -2.17 -23.44
CA PHE D 11 -7.42 -3.46 -22.78
C PHE D 11 -8.73 -3.51 -22.01
N PRO D 12 -9.64 -4.44 -22.33
CA PRO D 12 -10.90 -4.53 -21.58
C PRO D 12 -10.78 -5.44 -20.38
N GLY D 13 -11.59 -5.15 -19.36
CA GLY D 13 -11.72 -6.08 -18.25
C GLY D 13 -10.53 -6.11 -17.30
N ILE D 14 -10.35 -7.27 -16.68
CA ILE D 14 -9.41 -7.47 -15.58
C ILE D 14 -8.12 -8.09 -16.11
N CYS D 15 -6.98 -7.52 -15.71
CA CYS D 15 -5.65 -8.03 -16.08
C CYS D 15 -5.28 -9.15 -15.12
N ILE D 16 -5.29 -10.39 -15.61
CA ILE D 16 -4.90 -11.55 -14.81
C ILE D 16 -3.52 -12.02 -15.20
N THR D 17 -3.32 -12.31 -16.49
CA THR D 17 -1.99 -12.66 -16.99
C THR D 17 -1.53 -11.60 -17.98
N LYS D 18 -0.24 -11.58 -18.18
CA LYS D 18 0.49 -10.58 -18.96
C LYS D 18 0.21 -10.60 -20.46
N PRO D 19 0.19 -11.75 -21.13
CA PRO D 19 0.27 -11.74 -22.60
C PRO D 19 -0.82 -10.88 -23.22
N PRO D 20 -2.08 -11.00 -22.79
CA PRO D 20 -3.11 -10.13 -23.40
C PRO D 20 -2.88 -8.65 -23.15
N CYS D 21 -2.32 -8.29 -22.00
CA CYS D 21 -2.03 -6.89 -21.72
C CYS D 21 -0.85 -6.40 -22.56
N ARG D 22 0.24 -7.16 -22.60
CA ARG D 22 1.36 -6.82 -23.48
C ARG D 22 0.88 -6.64 -24.90
N LYS D 23 0.02 -7.56 -25.38
CA LYS D 23 -0.46 -7.47 -26.76
C LYS D 23 -1.20 -6.16 -27.00
N ALA D 24 -2.10 -5.82 -26.07
CA ALA D 24 -2.85 -4.56 -26.18
C ALA D 24 -1.91 -3.36 -26.14
N CYS D 25 -0.88 -3.44 -25.29
CA CYS D 25 0.02 -2.31 -25.13
C CYS D 25 0.89 -2.14 -26.38
N ILE D 26 1.36 -3.24 -26.97
CA ILE D 26 2.12 -3.12 -28.21
C ILE D 26 1.25 -2.58 -29.34
N ARG D 27 -0.03 -2.96 -29.40
CA ARG D 27 -0.94 -2.37 -30.39
C ARG D 27 -1.03 -0.86 -30.22
N GLU D 28 -0.94 -0.40 -28.97
CA GLU D 28 -0.98 1.01 -28.61
C GLU D 28 0.37 1.70 -28.75
N LYS D 29 1.36 0.99 -29.29
CA LYS D 29 2.68 1.51 -29.66
C LYS D 29 3.59 1.65 -28.45
N PHE D 30 3.29 0.94 -27.37
CA PHE D 30 4.23 0.74 -26.29
C PHE D 30 5.05 -0.51 -26.61
N THR D 31 5.99 -0.83 -25.73
CA THR D 31 6.84 -1.98 -25.96
C THR D 31 6.57 -3.13 -25.01
N ASP D 32 5.80 -2.91 -23.94
CA ASP D 32 5.46 -4.01 -23.06
C ASP D 32 4.22 -3.63 -22.27
N GLY D 33 3.67 -4.60 -21.57
CA GLY D 33 2.60 -4.31 -20.61
C GLY D 33 2.66 -5.30 -19.48
N HIS D 34 2.10 -4.90 -18.32
CA HIS D 34 2.04 -5.81 -17.19
C HIS D 34 0.82 -5.46 -16.34
N CYS D 35 0.35 -6.43 -15.55
CA CYS D 35 -0.81 -6.19 -14.70
C CYS D 35 -0.39 -5.45 -13.43
N SER D 36 -1.26 -4.55 -12.95
CA SER D 36 -1.04 -3.97 -11.64
C SER D 36 -1.51 -4.97 -10.58
N LYS D 37 -0.87 -4.96 -9.40
CA LYS D 37 -1.06 -6.07 -8.46
C LYS D 37 -2.46 -6.10 -7.89
N ILE D 38 -2.97 -4.96 -7.43
CA ILE D 38 -4.22 -4.94 -6.67
C ILE D 38 -5.40 -4.61 -7.57
N LEU D 39 -5.33 -3.49 -8.29
CA LEU D 39 -6.45 -3.10 -9.13
C LEU D 39 -6.57 -3.95 -10.38
N ARG D 40 -5.51 -4.69 -10.72
CA ARG D 40 -5.51 -5.56 -11.90
C ARG D 40 -5.76 -4.73 -13.16
N ARG D 41 -5.11 -3.57 -13.24
CA ARG D 41 -5.08 -2.75 -14.44
C ARG D 41 -3.99 -3.27 -15.36
N CYS D 42 -4.17 -3.03 -16.66
CA CYS D 42 -3.14 -3.32 -17.65
C CYS D 42 -2.34 -2.05 -17.85
N LEU D 43 -1.07 -2.08 -17.50
CA LEU D 43 -0.19 -0.92 -17.53
C LEU D 43 0.83 -1.11 -18.64
N CYS D 44 0.89 -0.14 -19.55
CA CYS D 44 1.78 -0.18 -20.70
C CYS D 44 3.05 0.58 -20.36
N THR D 45 4.18 0.10 -20.90
CA THR D 45 5.47 0.73 -20.67
C THR D 45 6.21 0.85 -22.00
N LYS D 46 7.09 1.84 -22.09
CA LYS D 46 7.91 2.06 -23.27
C LYS D 46 9.04 3.01 -22.92
N PRO D 47 10.17 2.93 -23.61
CA PRO D 47 11.22 3.93 -23.45
C PRO D 47 10.68 5.32 -23.73
N CYS D 48 11.04 6.27 -22.86
CA CYS D 48 10.52 7.62 -22.92
C CYS D 48 11.56 8.64 -23.37
N ALA E 1 -4.27 -35.13 -9.71
CA ALA E 1 -3.59 -34.80 -8.42
C ALA E 1 -2.77 -33.53 -8.54
N LYS E 2 -3.41 -32.37 -8.47
CA LYS E 2 -2.64 -31.15 -8.31
C LYS E 2 -2.16 -31.09 -6.87
N ASP E 3 -1.36 -30.07 -6.57
CA ASP E 3 -0.81 -29.92 -5.23
C ASP E 3 -1.88 -29.60 -4.19
N CYS E 4 -1.58 -29.95 -2.95
CA CYS E 4 -2.31 -29.43 -1.80
C CYS E 4 -1.97 -27.95 -1.60
N LYS E 5 -2.95 -27.20 -1.13
CA LYS E 5 -2.77 -25.75 -1.03
C LYS E 5 -3.46 -25.25 0.22
N ARG E 6 -2.82 -24.28 0.88
CA ARG E 6 -3.55 -23.50 1.87
C ARG E 6 -2.78 -22.23 2.19
N GLU E 7 -3.49 -21.28 2.77
CA GLU E 7 -2.92 -19.98 3.04
C GLU E 7 -1.78 -20.09 4.05
N SER E 8 -0.73 -19.30 3.83
CA SER E 8 0.37 -19.24 4.78
C SER E 8 -0.13 -18.80 6.14
N ASN E 9 0.37 -19.44 7.19
CA ASN E 9 -0.03 -19.02 8.53
C ASN E 9 0.99 -18.09 9.17
N THR E 10 2.10 -17.80 8.48
CA THR E 10 3.13 -16.91 9.02
C THR E 10 3.36 -15.66 8.18
N PHE E 11 2.92 -15.63 6.92
CA PHE E 11 3.26 -14.49 6.09
C PHE E 11 2.41 -13.29 6.48
N PRO E 12 3.02 -12.16 6.85
CA PRO E 12 2.25 -10.97 7.23
C PRO E 12 1.98 -10.04 6.06
N GLY E 13 0.88 -9.29 6.20
CA GLY E 13 0.60 -8.22 5.26
C GLY E 13 0.13 -8.70 3.90
N ILE E 14 0.28 -7.81 2.92
CA ILE E 14 -0.20 -8.02 1.56
C ILE E 14 0.87 -8.75 0.77
N CYS E 15 0.45 -9.76 0.01
CA CYS E 15 1.35 -10.51 -0.87
C CYS E 15 1.54 -9.75 -2.17
N ILE E 16 2.72 -9.20 -2.38
CA ILE E 16 3.00 -8.35 -3.54
C ILE E 16 3.84 -9.10 -4.56
N THR E 17 5.00 -9.59 -4.12
CA THR E 17 5.89 -10.40 -4.95
C THR E 17 6.01 -11.80 -4.36
N LYS E 18 6.46 -12.73 -5.20
CA LYS E 18 6.48 -14.15 -4.88
C LYS E 18 7.55 -14.56 -3.88
N PRO E 19 8.78 -14.05 -3.96
CA PRO E 19 9.88 -14.62 -3.14
C PRO E 19 9.59 -14.57 -1.64
N PRO E 20 9.04 -13.46 -1.11
CA PRO E 20 8.75 -13.46 0.33
C PRO E 20 7.67 -14.47 0.71
N CYS E 21 6.71 -14.71 -0.18
CA CYS E 21 5.66 -15.69 0.11
C CYS E 21 6.23 -17.10 0.00
N ARG E 22 6.95 -17.40 -1.07
CA ARG E 22 7.60 -18.69 -1.20
C ARG E 22 8.50 -18.96 0.00
N LYS E 23 9.22 -17.94 0.47
CA LYS E 23 10.12 -18.12 1.61
C LYS E 23 9.33 -18.51 2.86
N ALA E 24 8.23 -17.81 3.11
CA ALA E 24 7.37 -18.14 4.25
C ALA E 24 6.84 -19.56 4.13
N CYS E 25 6.42 -19.95 2.93
CA CYS E 25 5.78 -21.25 2.75
C CYS E 25 6.77 -22.39 2.91
N ILE E 26 8.02 -22.18 2.49
CA ILE E 26 9.01 -23.24 2.68
C ILE E 26 9.38 -23.38 4.15
N ARG E 27 9.34 -22.28 4.90
CA ARG E 27 9.53 -22.38 6.34
C ARG E 27 8.43 -23.21 6.99
N GLU E 28 7.22 -23.14 6.45
CA GLU E 28 6.07 -23.94 6.89
C GLU E 28 6.09 -25.35 6.31
N LYS E 29 7.17 -25.71 5.62
CA LYS E 29 7.42 -27.06 5.12
C LYS E 29 6.57 -27.39 3.90
N PHE E 30 6.13 -26.38 3.15
CA PHE E 30 5.59 -26.58 1.82
C PHE E 30 6.72 -26.47 0.79
N THR E 31 6.40 -26.78 -0.47
CA THR E 31 7.44 -26.75 -1.50
C THR E 31 7.51 -25.43 -2.24
N ASP E 32 6.46 -24.61 -2.18
CA ASP E 32 6.44 -23.32 -2.85
C ASP E 32 5.32 -22.47 -2.27
N GLY E 33 5.29 -21.21 -2.68
CA GLY E 33 4.19 -20.33 -2.35
C GLY E 33 4.05 -19.27 -3.43
N HIS E 34 2.83 -18.74 -3.55
CA HIS E 34 2.55 -17.72 -4.54
C HIS E 34 1.45 -16.81 -4.03
N CYS E 35 1.45 -15.57 -4.53
CA CYS E 35 0.38 -14.62 -4.23
C CYS E 35 -0.86 -14.95 -5.06
N SER E 36 -2.03 -14.95 -4.41
CA SER E 36 -3.27 -15.01 -5.16
C SER E 36 -3.49 -13.68 -5.87
N LYS E 37 -3.80 -13.73 -7.16
CA LYS E 37 -3.75 -12.51 -7.94
C LYS E 37 -4.79 -11.51 -7.52
N ILE E 38 -5.95 -11.96 -7.03
CA ILE E 38 -7.01 -11.00 -6.72
C ILE E 38 -6.98 -10.56 -5.26
N LEU E 39 -6.97 -11.48 -4.31
CA LEU E 39 -7.00 -11.10 -2.89
C LEU E 39 -5.62 -10.85 -2.28
N ARG E 40 -4.56 -11.19 -3.00
CA ARG E 40 -3.19 -10.96 -2.53
C ARG E 40 -2.89 -11.70 -1.22
N ARG E 41 -3.43 -12.92 -1.10
CA ARG E 41 -3.06 -13.81 -0.01
C ARG E 41 -1.83 -14.62 -0.42
N CYS E 42 -1.03 -15.00 0.56
CA CYS E 42 0.12 -15.86 0.31
C CYS E 42 -0.36 -17.30 0.43
N LEU E 43 -0.31 -18.04 -0.68
CA LEU E 43 -0.84 -19.41 -0.75
C LEU E 43 0.31 -20.38 -0.89
N CYS E 44 0.39 -21.35 0.01
CA CYS E 44 1.42 -22.36 0.02
C CYS E 44 0.93 -23.59 -0.72
N THR E 45 1.87 -24.32 -1.34
CA THR E 45 1.49 -25.47 -2.14
C THR E 45 2.52 -26.57 -1.92
N LYS E 46 2.05 -27.81 -1.98
CA LYS E 46 2.95 -28.95 -1.93
C LYS E 46 2.23 -30.16 -2.50
N PRO E 47 2.95 -31.06 -3.16
CA PRO E 47 2.37 -32.36 -3.51
C PRO E 47 1.85 -33.06 -2.26
N CYS E 48 0.71 -33.74 -2.40
CA CYS E 48 0.14 -34.37 -1.23
C CYS E 48 -0.83 -35.45 -1.71
N ALA F 1 -2.89 -23.11 9.66
CA ALA F 1 -4.12 -23.11 10.50
C ALA F 1 -5.26 -23.80 9.76
N LYS F 2 -5.68 -23.21 8.65
CA LYS F 2 -6.69 -23.84 7.81
C LYS F 2 -6.17 -25.17 7.28
N ASP F 3 -7.09 -26.03 6.87
CA ASP F 3 -6.72 -27.32 6.30
C ASP F 3 -6.10 -27.11 4.91
N CYS F 4 -5.35 -28.12 4.48
CA CYS F 4 -4.94 -28.23 3.09
C CYS F 4 -6.12 -28.62 2.23
N LYS F 5 -6.09 -28.15 0.98
CA LYS F 5 -7.18 -28.39 0.04
C LYS F 5 -6.60 -28.89 -1.26
N ARG F 6 -7.28 -29.84 -1.90
CA ARG F 6 -6.85 -30.40 -3.18
C ARG F 6 -8.06 -30.95 -3.93
N GLU F 7 -8.13 -30.68 -5.23
CA GLU F 7 -9.26 -31.21 -6.01
C GLU F 7 -9.28 -32.74 -5.95
N SER F 8 -10.48 -33.30 -5.83
CA SER F 8 -10.64 -34.75 -5.79
C SER F 8 -10.15 -35.38 -7.09
N ASN F 9 -9.48 -36.51 -6.97
CA ASN F 9 -9.05 -37.29 -8.13
C ASN F 9 -10.06 -38.31 -8.61
N THR F 10 -11.01 -38.69 -7.75
CA THR F 10 -11.93 -39.77 -8.07
C THR F 10 -13.36 -39.29 -8.28
N PHE F 11 -13.70 -38.10 -7.81
CA PHE F 11 -15.08 -37.64 -7.88
C PHE F 11 -15.48 -37.36 -9.32
N PRO F 12 -16.43 -38.08 -9.89
CA PRO F 12 -16.84 -37.82 -11.28
C PRO F 12 -17.87 -36.71 -11.37
N GLY F 13 -17.83 -36.02 -12.50
CA GLY F 13 -18.86 -35.05 -12.77
C GLY F 13 -18.68 -33.74 -12.02
N ILE F 14 -19.82 -33.12 -11.73
CA ILE F 14 -19.93 -31.77 -11.20
C ILE F 14 -20.35 -31.89 -9.75
N CYS F 15 -19.79 -31.03 -8.90
CA CYS F 15 -20.12 -31.02 -7.48
C CYS F 15 -21.37 -30.18 -7.26
N ILE F 16 -22.46 -30.81 -6.83
CA ILE F 16 -23.74 -30.15 -6.60
C ILE F 16 -24.00 -30.00 -5.10
N THR F 17 -23.92 -31.11 -4.36
CA THR F 17 -24.08 -31.15 -2.91
C THR F 17 -22.85 -31.75 -2.25
N LYS F 18 -22.73 -31.52 -0.94
CA LYS F 18 -21.52 -31.84 -0.20
C LYS F 18 -21.33 -33.34 0.00
N PRO F 19 -22.36 -34.08 0.42
CA PRO F 19 -22.12 -35.46 0.89
C PRO F 19 -21.42 -36.33 -0.13
N PRO F 20 -21.81 -36.32 -1.41
CA PRO F 20 -21.08 -37.16 -2.37
C PRO F 20 -19.61 -36.77 -2.50
N CYS F 21 -19.33 -35.49 -2.40
CA CYS F 21 -17.94 -35.03 -2.44
C CYS F 21 -17.20 -35.42 -1.17
N ARG F 22 -17.82 -35.22 -0.01
CA ARG F 22 -17.20 -35.63 1.24
C ARG F 22 -16.86 -37.10 1.21
N LYS F 23 -17.77 -37.92 0.68
CA LYS F 23 -17.57 -39.36 0.66
C LYS F 23 -16.40 -39.73 -0.24
N ALA F 24 -16.31 -39.12 -1.43
CA ALA F 24 -15.19 -39.38 -2.33
C ALA F 24 -13.87 -38.95 -1.69
N CYS F 25 -13.88 -37.82 -0.99
CA CYS F 25 -12.65 -37.32 -0.39
C CYS F 25 -12.19 -38.19 0.76
N ILE F 26 -13.11 -38.70 1.56
CA ILE F 26 -12.70 -39.59 2.64
C ILE F 26 -12.09 -40.87 2.07
N ARG F 27 -12.67 -41.39 1.00
CA ARG F 27 -12.06 -42.51 0.28
C ARG F 27 -10.61 -42.22 -0.08
N GLU F 28 -10.33 -40.99 -0.53
CA GLU F 28 -9.00 -40.54 -0.90
C GLU F 28 -8.14 -40.20 0.32
N LYS F 29 -8.63 -40.49 1.53
CA LYS F 29 -7.86 -40.33 2.76
C LYS F 29 -7.70 -38.86 3.15
N PHE F 30 -8.62 -38.01 2.72
CA PHE F 30 -8.82 -36.70 3.31
C PHE F 30 -9.89 -36.81 4.39
N THR F 31 -10.09 -35.73 5.14
CA THR F 31 -11.05 -35.76 6.23
C THR F 31 -12.41 -35.17 5.87
N ASP F 32 -12.48 -34.36 4.82
CA ASP F 32 -13.75 -33.78 4.41
C ASP F 32 -13.65 -33.38 2.94
N GLY F 33 -14.76 -32.88 2.40
CA GLY F 33 -14.75 -32.32 1.06
C GLY F 33 -15.92 -31.37 0.93
N HIS F 34 -15.82 -30.49 -0.06
CA HIS F 34 -16.86 -29.50 -0.29
C HIS F 34 -16.80 -29.03 -1.73
N CYS F 35 -17.92 -28.49 -2.21
CA CYS F 35 -17.98 -28.00 -3.59
C CYS F 35 -17.38 -26.59 -3.70
N SER F 36 -16.60 -26.36 -4.75
CA SER F 36 -16.22 -24.98 -5.05
C SER F 36 -17.42 -24.24 -5.67
N LYS F 37 -17.53 -22.94 -5.35
CA LYS F 37 -18.79 -22.23 -5.57
C LYS F 37 -19.11 -22.07 -7.05
N ILE F 38 -18.12 -21.68 -7.87
CA ILE F 38 -18.33 -21.33 -9.28
C ILE F 38 -18.10 -22.52 -10.19
N LEU F 39 -16.85 -23.03 -10.18
CA LEU F 39 -16.47 -24.13 -11.06
C LEU F 39 -17.11 -25.45 -10.66
N ARG F 40 -17.62 -25.58 -9.42
CA ARG F 40 -18.31 -26.80 -8.97
C ARG F 40 -17.35 -27.99 -8.98
N ARG F 41 -16.12 -27.73 -8.59
CA ARG F 41 -15.17 -28.81 -8.34
C ARG F 41 -15.43 -29.40 -6.97
N CYS F 42 -15.10 -30.67 -6.81
CA CYS F 42 -15.08 -31.29 -5.49
C CYS F 42 -13.69 -31.08 -4.90
N LEU F 43 -13.60 -30.31 -3.80
CA LEU F 43 -12.33 -30.00 -3.15
C LEU F 43 -12.23 -30.79 -1.86
N CYS F 44 -11.16 -31.58 -1.73
CA CYS F 44 -10.90 -32.36 -0.53
C CYS F 44 -10.07 -31.55 0.46
N THR F 45 -10.26 -31.81 1.74
CA THR F 45 -9.58 -31.05 2.76
C THR F 45 -9.08 -31.98 3.85
N LYS F 46 -7.93 -31.63 4.41
CA LYS F 46 -7.35 -32.36 5.53
C LYS F 46 -6.24 -31.50 6.13
N PRO F 47 -5.91 -31.73 7.39
CA PRO F 47 -4.74 -31.06 7.98
C PRO F 47 -3.47 -31.34 7.20
N CYS F 48 -2.60 -30.34 7.14
CA CYS F 48 -1.39 -30.42 6.32
C CYS F 48 -0.26 -31.15 7.03
C1 EDO G . 22.96 29.09 19.87
O1 EDO G . 21.75 29.53 19.26
C2 EDO G . 23.04 29.64 21.29
O2 EDO G . 23.28 31.06 21.24
H11 EDO G . 23.00 28.00 19.89
H12 EDO G . 23.83 29.44 19.29
HO1 EDO G . 21.70 29.19 18.37
H21 EDO G . 22.10 29.45 21.81
H22 EDO G . 23.85 29.15 21.83
HO2 EDO G . 23.32 31.41 22.15
C1 EDO H . 24.75 19.95 25.70
O1 EDO H . 25.60 20.66 24.80
C2 EDO H . 24.11 20.89 26.72
O2 EDO H . 23.74 20.17 27.91
H11 EDO H . 23.96 19.45 25.12
H12 EDO H . 25.32 19.17 26.22
HO1 EDO H . 25.99 20.05 24.17
H21 EDO H . 24.82 21.67 26.98
H22 EDO H . 23.22 21.36 26.29
HO2 EDO H . 23.34 20.77 28.55
S SO4 I . 4.48 12.67 20.52
O1 SO4 I . 4.44 11.74 21.65
O2 SO4 I . 3.50 13.74 20.75
O3 SO4 I . 5.81 13.24 20.39
O4 SO4 I . 4.11 11.97 19.29
C ACT J . 12.17 17.08 14.76
O ACT J . 11.16 17.32 14.05
OXT ACT J . 13.06 17.96 14.75
CH3 ACT J . 12.27 15.82 15.57
H1 ACT J . 13.21 15.81 16.11
H2 ACT J . 12.23 14.96 14.91
H3 ACT J . 11.44 15.78 16.28
S SO4 K . -6.09 1.77 12.03
O1 SO4 K . -7.38 1.66 11.36
O2 SO4 K . -6.24 1.47 13.44
O3 SO4 K . -5.58 3.12 11.88
O4 SO4 K . -5.14 0.83 11.42
C1 EDO L . -11.64 10.77 7.83
O1 EDO L . -12.90 11.32 7.49
C2 EDO L . -11.74 9.33 8.27
O2 EDO L . -12.12 9.28 9.65
H11 EDO L . -10.97 10.84 6.97
H12 EDO L . -11.19 11.37 8.64
HO1 EDO L . -12.79 12.24 7.21
H21 EDO L . -12.49 8.83 7.67
H22 EDO L . -10.79 8.83 8.12
HO2 EDO L . -12.18 8.36 9.92
C1 EDO M . -3.17 0.62 7.09
O1 EDO M . -4.49 0.14 6.85
C2 EDO M . -2.92 0.68 8.60
O2 EDO M . -2.10 1.82 8.87
H11 EDO M . -2.44 -0.06 6.63
H12 EDO M . -3.04 1.60 6.66
HO1 EDO M . -4.65 0.09 5.90
H21 EDO M . -3.87 0.77 9.13
H22 EDO M . -2.42 -0.23 8.93
HO2 EDO M . -1.92 1.87 9.82
C ACT N . -18.75 22.39 19.79
O ACT N . -19.10 21.50 18.99
OXT ACT N . -17.94 23.23 19.36
CH3 ACT N . -19.27 22.43 21.19
H1 ACT N . -19.96 21.61 21.35
H2 ACT N . -19.79 23.37 21.36
H3 ACT N . -18.44 22.35 21.89
S SO4 O . -4.33 16.10 -1.55
O1 SO4 O . -3.57 14.85 -1.50
O2 SO4 O . -5.61 15.93 -0.89
O3 SO4 O . -3.57 17.16 -0.88
O4 SO4 O . -4.56 16.47 -2.94
O13 44E P . 1.37 16.55 0.30
P 44E P . 1.67 15.36 -0.57
O14 44E P . 0.45 15.02 -1.37
O12 44E P . 1.96 14.20 0.37
O11 44E P . 2.90 15.62 -1.56
C1 44E P . 3.51 16.92 -1.63
C2 44E P . 3.53 17.50 -3.01
O21 44E P . 4.06 18.81 -3.10
C21 44E P . 3.29 20.00 -2.93
O22 44E P . 3.50 20.98 -3.61
C22 44E P . 2.30 20.19 -1.82
C23 44E P . 2.95 21.19 -0.89
C3 44E P . 2.10 17.41 -3.42
O31 44E P . 2.06 16.20 -4.10
C31 44E P . 2.24 16.51 -5.44
O32 44E P . 3.35 16.50 -5.94
C32 44E P . 0.97 16.89 -6.16
C33 44E P . 1.14 17.28 -7.58
C34 44E P . -0.13 17.28 -8.38
C35 44E P . -1.21 18.23 -7.93
C36 44E P . -0.77 19.47 -7.18
H3 44E P . 3.00 17.52 -1.06
H4 44E P . 4.42 16.85 -1.29
H5 44E P . 4.06 16.91 -3.60
H6 44E P . 2.18 19.35 -1.35
H7 44E P . 1.46 20.53 -2.15
H8 44E P . 2.88 22.08 -1.31
H9 44E P . 3.91 20.98 -0.82
H11 44E P . 1.52 17.39 -2.63
H12 44E P . 1.86 18.15 -4.01
H13 44E P . 0.55 17.64 -5.67
H14 44E P . 0.35 16.12 -6.11
H15 44E P . 1.52 18.17 -7.62
H16 44E P . 1.76 16.65 -7.99
H17 44E P . 0.09 17.48 -9.32
H18 44E P . -0.51 16.38 -8.35
H19 44E P . -1.81 17.72 -7.33
H20 44E P . -1.72 18.51 -8.71
C4 44E P . 2.40 21.28 0.50
H21 44E P . -0.38 19.21 -6.32
C5 44E P . 0.89 21.27 0.59
H22 44E P . -1.55 20.05 -7.02
C6 44E P . 0.54 21.68 2.01
H23 44E P . -0.11 19.96 -7.71
H10 44E P . 2.72 22.10 0.91
H24 44E P . 2.73 20.52 1.01
H25 44E P . 0.54 20.38 0.40
H26 44E P . 0.52 21.92 -0.04
H27 44E P . 0.92 21.03 2.63
H28 44E P . -0.43 21.71 2.11
H29 44E P . 0.91 22.57 2.19
S SO4 Q . 1.59 8.60 -8.07
O1 SO4 Q . 2.69 7.81 -7.50
O2 SO4 Q . 0.37 7.81 -8.05
O3 SO4 Q . 1.89 8.96 -9.45
O4 SO4 Q . 1.43 9.81 -7.26
C1 EDO R . 3.56 6.19 -3.55
O1 EDO R . 3.07 6.68 -2.30
C2 EDO R . 4.83 5.39 -3.34
O2 EDO R . 5.97 6.23 -3.57
H11 EDO R . 2.80 5.55 -4.02
H12 EDO R . 3.76 7.03 -4.22
HO1 EDO R . 2.27 7.18 -2.44
H21 EDO R . 4.86 5.01 -2.31
H22 EDO R . 4.86 4.54 -4.02
HO2 EDO R . 6.77 5.72 -3.43
C ACT S . 16.62 16.55 0.00
O ACT S . 16.74 15.47 -0.62
OXT ACT S . 16.16 17.53 -0.64
CH3 ACT S . 17.03 16.67 1.44
H1 ACT S . 16.84 17.68 1.79
H2 ACT S . 18.09 16.42 1.54
H3 ACT S . 16.44 15.97 2.03
C1 EDO T . 7.42 5.34 -8.70
O1 EDO T . 8.66 4.85 -8.19
C2 EDO T . 6.43 5.59 -7.56
O2 EDO T . 7.07 6.26 -6.47
H11 EDO T . 7.58 6.26 -9.25
H12 EDO T . 6.99 4.60 -9.39
HO1 EDO T . 9.27 4.70 -8.92
H21 EDO T . 5.60 6.19 -7.93
H22 EDO T . 6.02 4.64 -7.21
HO2 EDO T . 6.44 6.42 -5.76
C1 EDO U . -2.05 3.33 -13.31
O1 EDO U . -3.16 4.21 -13.09
C2 EDO U . -0.96 3.61 -12.28
O2 EDO U . -0.59 4.99 -12.27
H11 EDO U . -1.66 3.46 -14.32
H12 EDO U . -2.39 2.28 -13.21
HO1 EDO U . -3.85 4.03 -13.75
H21 EDO U . -1.31 3.32 -11.29
H22 EDO U . -0.08 3.01 -12.52
HO2 EDO U . 0.11 5.13 -11.61
C1 EDO V . 5.68 -9.73 -27.42
O1 EDO V . 5.28 -10.47 -28.57
C2 EDO V . 6.90 -8.88 -27.69
O2 EDO V . 7.64 -8.66 -26.48
H11 EDO V . 4.85 -9.09 -27.11
H12 EDO V . 5.88 -10.43 -26.60
HO1 EDO V . 4.50 -11.00 -28.38
H21 EDO V . 7.54 -9.39 -28.42
H22 EDO V . 6.59 -7.93 -28.11
HO2 EDO V . 8.42 -8.12 -26.67
O13 44E W . 2.84 -0.08 -12.84
P 44E W . 3.65 -0.59 -11.70
O14 44E W . 3.86 0.56 -10.74
O12 44E W . 4.97 -1.01 -12.29
O11 44E W . 2.78 -1.67 -10.93
C1 44E W . 1.94 -1.07 -9.96
C2 44E W . 0.84 -1.98 -9.46
O21 44E W . -0.16 -1.13 -8.91
C21 44E W . -1.21 -1.57 -8.07
O22 44E W . -0.96 -2.01 -6.96
C22 44E W . -2.65 -1.43 -8.52
C23 44E W . -2.94 -0.23 -9.43
C3 44E W . 1.47 -2.94 -8.49
O31 44E W . 2.25 -3.73 -9.35
C31 44E W . 3.32 -4.47 -8.83
O32 44E W . 3.76 -5.33 -9.57
C32 44E W . 3.92 -4.28 -7.46
C33 44E W . 4.44 -2.87 -7.25
C34 44E W . 4.76 -2.20 -8.57
C35 44E W . 5.91 -2.87 -9.31
C36 44E W . 5.62 -3.34 -10.72
H3 44E W . 2.48 -0.78 -9.21
H4 44E W . 1.52 -0.28 -10.38
H5 44E W . 0.47 -2.48 -10.21
H6 44E W . -3.21 -1.35 -7.71
H7 44E W . -2.91 -2.24 -8.98
H8 44E W . -3.90 -0.06 -9.43
H9 44E W . -2.67 -0.50 -10.33
H11 44E W . 0.78 -3.47 -8.04
H12 44E W . 2.02 -2.46 -7.85
H13 44E W . 4.68 -4.89 -7.36
H14 44E W . 3.27 -4.50 -6.77
H15 44E W . 5.25 -2.90 -6.70
H16 44E W . 3.75 -2.35 -6.79
H17 44E W . 3.97 -2.26 -9.14
H18 44E W . 4.96 -1.26 -8.42
H19 44E W . 6.21 -3.63 -8.78
H20 44E W . 6.64 -2.22 -9.37
C4 44E W . -2.23 1.07 -9.12
H21 44E W . 6.45 -3.67 -11.13
C5 44E W . -0.84 1.31 -9.71
H22 44E W . 4.96 -4.08 -10.69
C6 44E W . -0.68 0.72 -11.09
H23 44E W . 5.26 -2.61 -11.25
H10 44E W . -2.79 1.80 -9.44
H24 44E W . -2.15 1.14 -8.16
H25 44E W . -0.18 0.89 -9.11
H26 44E W . -0.66 2.27 -9.75
H27 44E W . 0.22 0.91 -11.42
H28 44E W . -1.34 1.12 -11.69
H29 44E W . -0.82 -0.25 -11.05
O13 44E X . 2.37 -10.74 -9.85
P 44E X . 0.97 -11.17 -10.19
O14 44E X . 0.04 -10.81 -9.06
O12 44E X . 0.92 -12.66 -10.44
O11 44E X . 0.52 -10.33 -11.46
C1 44E X . 0.07 -10.78 -12.72
C2 44E X . 1.13 -10.80 -13.76
O21 44E X . 1.27 -9.45 -14.18
C21 44E X . 2.38 -9.18 -14.99
O22 44E X . 2.18 -8.75 -16.11
C22 44E X . 3.77 -9.41 -14.46
C23 44E X . 4.30 -8.34 -13.53
C3 44E X . 0.60 -11.63 -14.90
O31 44E X . 0.93 -12.97 -14.66
C31 44E X . 2.02 -13.35 -15.44
O32 44E X . 3.14 -13.14 -15.04
C32 44E X . 1.75 -13.98 -16.78
C33 44E X . 2.92 -14.70 -17.40
C34 44E X . 2.80 -14.68 -18.92
C35 44E X . 4.05 -14.97 -19.70
C36 44E X . 5.13 -13.95 -19.45
H3 44E X . -0.64 -10.18 -13.02
H4 44E X . -0.30 -11.68 -12.62
H5 44E X . 1.97 -11.16 -13.41
H6 44E X . 4.39 -9.51 -15.22
H7 44E X . 3.76 -10.25 -13.96
H8 44E X . 4.87 -8.76 -12.86
H9 44E X . 4.85 -7.74 -14.06
H11 44E X . 1.00 -11.34 -15.74
H12 44E X . -0.38 -11.53 -14.94
H13 44E X . 1.01 -14.61 -16.70
H14 44E X . 1.48 -13.26 -17.40
H15 44E X . 2.95 -15.62 -17.09
H16 44E X . 3.75 -14.25 -17.14
H17 44E X . 2.11 -15.34 -19.17
H18 44E X . 2.47 -13.80 -19.18
H19 44E X . 4.38 -15.87 -19.46
H20 44E X . 3.83 -14.96 -20.66
C4 44E X . 3.26 -7.50 -12.82
H21 44E X . 4.84 -13.07 -19.80
C5 44E X . 2.42 -8.28 -11.83
H22 44E X . 5.30 -13.88 -18.49
C6 44E X . 1.03 -7.73 -11.67
H23 44E X . 5.95 -14.22 -19.91
H10 44E X . 2.66 -7.12 -13.50
H24 44E X . 3.70 -6.77 -12.35
H25 44E X . 2.87 -8.27 -10.96
H26 44E X . 2.35 -9.21 -12.12
H27 44E X . 1.07 -6.82 -11.34
H28 44E X . 0.53 -8.28 -11.02
H29 44E X . 0.57 -7.75 -12.53
C1 EDO Y . -6.16 -9.61 -33.24
O1 EDO Y . -6.59 -8.88 -34.39
C2 EDO Y . -5.42 -10.87 -33.69
O2 EDO Y . -5.12 -10.77 -35.09
H11 EDO Y . -5.50 -8.98 -32.63
H12 EDO Y . -7.02 -9.89 -32.63
HO1 EDO Y . -7.07 -8.08 -34.11
H21 EDO Y . -4.49 -10.97 -33.11
H22 EDO Y . -6.04 -11.75 -33.50
HO2 EDO Y . -4.66 -11.57 -35.37
C1 EDO Z . -8.28 5.59 -20.24
O1 EDO Z . -8.98 5.19 -21.43
C2 EDO Z . -8.03 4.37 -19.37
O2 EDO Z . -7.02 4.69 -18.40
H11 EDO Z . -8.86 6.32 -19.70
H12 EDO Z . -7.33 6.05 -20.52
HO1 EDO Z . -9.14 5.97 -21.99
H21 EDO Z . -8.95 4.08 -18.86
H22 EDO Z . -7.70 3.53 -19.99
HO2 EDO Z . -6.86 3.92 -17.84
C1 EDO AA . 4.04 -12.35 -24.34
O1 EDO AA . 3.11 -13.41 -24.60
C2 EDO AA . 3.86 -11.82 -22.91
O2 EDO AA . 3.86 -12.87 -21.93
H11 EDO AA . 5.06 -12.71 -24.48
H12 EDO AA . 3.87 -11.53 -25.05
HO1 EDO AA . 3.23 -13.72 -25.51
H21 EDO AA . 4.68 -11.13 -22.69
H22 EDO AA . 2.93 -11.27 -22.85
HO2 EDO AA . 3.74 -12.48 -21.06
C1 EDO BA . 2.07 -8.92 -29.58
O1 EDO BA . 1.28 -9.96 -30.16
C2 EDO BA . 2.16 -9.16 -28.07
O2 EDO BA . 2.91 -10.33 -27.77
H11 EDO BA . 3.07 -8.90 -30.02
H12 EDO BA . 1.58 -7.95 -29.76
HO1 EDO BA . 1.21 -9.82 -31.11
H21 EDO BA . 2.63 -8.30 -27.59
H22 EDO BA . 1.16 -9.27 -27.66
HO2 EDO BA . 2.95 -10.46 -26.81
C1 EDO CA . -7.63 -15.96 -7.07
O1 EDO CA . -6.71 -15.01 -7.64
C2 EDO CA . -8.31 -15.36 -5.85
O2 EDO CA . -7.59 -14.20 -5.43
H11 EDO CA . -8.37 -16.24 -7.81
H12 EDO CA . -7.09 -16.86 -6.79
HO1 EDO CA . -6.29 -15.41 -8.42
H21 EDO CA . -9.34 -15.09 -6.10
H22 EDO CA . -8.33 -16.09 -5.05
HO2 EDO CA . -8.02 -13.82 -4.65
O13 44E DA . -5.90 -18.75 -6.29
P 44E DA . -4.59 -19.17 -6.90
O14 44E DA . -3.98 -20.27 -6.09
O12 44E DA . -3.65 -17.99 -6.93
O11 44E DA . -4.81 -19.68 -8.38
C1 44E DA . -3.69 -20.22 -9.04
C2 44E DA . -3.75 -21.74 -9.04
O21 44E DA . -4.72 -22.19 -8.14
C21 44E DA . -5.94 -22.58 -8.73
O22 44E DA . -6.97 -22.00 -8.46
C22 44E DA . -5.99 -23.72 -9.73
C23 44E DA . -6.12 -25.05 -9.03
C3 44E DA . -2.40 -22.36 -8.76
O31 44E DA . -1.40 -21.74 -9.57
C31 44E DA . -1.26 -22.22 -10.90
O32 44E DA . -1.41 -21.45 -11.82
C32 44E DA . -0.94 -23.68 -11.17
C33 44E DA . 0.50 -24.02 -11.47
C34 44E DA . 1.17 -23.51 -12.74
C35 44E DA . 0.33 -22.98 -13.89
C36 44E DA . -0.62 -23.95 -14.52
H3 44E DA . -2.87 -19.92 -8.59
H4 44E DA . -3.69 -19.91 -9.97
H5 44E DA . -4.02 -22.02 -9.94
H6 44E DA . -5.17 -23.72 -10.26
H7 44E DA . -6.76 -23.60 -10.31
H8 44E DA . -5.22 -25.40 -8.86
H9 44E DA . -6.57 -24.92 -8.17
H11 44E DA . -2.43 -23.32 -8.96
H12 44E DA . -2.17 -22.23 -7.82
H13 44E DA . -1.21 -24.20 -10.38
H14 44E DA . -1.49 -23.97 -11.92
H15 44E DA . 0.58 -24.99 -11.47
H16 44E DA . 1.04 -23.69 -10.72
H17 44E DA . 1.78 -22.80 -12.48
H18 44E DA . 1.71 -24.25 -13.10
H19 44E DA . 0.93 -22.64 -14.58
H20 44E DA . -0.20 -22.23 -13.55
C4 44E DA . -6.90 -26.09 -9.81
H21 44E DA . -0.12 -24.67 -14.97
C5 44E DA . -8.40 -25.96 -9.62
H22 44E DA . -1.18 -23.49 -15.19
C6 44E DA . -9.00 -24.68 -10.18
H23 44E DA . -1.20 -24.35 -13.84
H10 44E DA . -6.68 -26.01 -10.76
H24 44E DA . -6.63 -26.97 -9.50
H25 44E DA . -8.60 -26.01 -8.67
H26 44E DA . -8.83 -26.72 -10.07
H27 44E DA . -8.82 -24.62 -11.14
H28 44E DA . -8.61 -23.91 -9.72
H29 44E DA . -9.98 -24.69 -10.03
S SO4 EA . 6.82 -11.91 -8.63
O1 SO4 EA . 7.81 -11.98 -7.55
O2 SO4 EA . 5.64 -11.19 -8.17
O3 SO4 EA . 7.40 -11.22 -9.78
O4 SO4 EA . 6.43 -13.26 -9.03
O13 44E FA . -22.08 -34.28 -19.51
P 44E FA . -22.51 -35.55 -18.81
O14 44E FA . -21.45 -35.92 -17.81
O12 44E FA . -22.63 -36.64 -19.84
O11 44E FA . -23.92 -35.32 -18.09
C1 44E FA . -24.02 -34.22 -17.22
C2 44E FA . -25.39 -33.65 -16.92
O21 44E FA . -26.26 -33.62 -18.04
C21 44E FA . -25.65 -33.22 -19.23
O22 44E FA . -24.70 -33.83 -19.68
C22 44E FA . -26.09 -32.03 -20.03
C23 44E FA . -24.89 -31.14 -20.24
C3 44E FA . -25.25 -32.24 -16.35
O31 44E FA . -25.46 -32.30 -14.95
C31 44E FA . -24.33 -32.63 -14.19
O32 44E FA . -23.51 -31.78 -13.91
C32 44E FA . -24.11 -34.05 -13.71
C33 44E FA . -22.79 -34.24 -13.00
C34 44E FA . -21.56 -34.34 -13.87
C35 44E FA . -21.63 -34.02 -15.33
C36 44E FA . -20.36 -33.46 -15.96
H3 44E FA . -23.61 -34.48 -16.36
H4 44E FA . -23.47 -33.50 -17.59
H5 44E FA . -25.80 -34.21 -16.23
H6 44E FA . -26.47 -32.30 -20.88
H7 44E FA . -26.76 -31.53 -19.51
H8 44E FA . -25.20 -30.23 -20.39
H9 44E FA . -24.32 -31.16 -19.44
H11 44E FA . -25.91 -31.65 -16.76
H12 44E FA . -24.34 -31.90 -16.52
H13 44E FA . -24.83 -34.29 -13.09
H14 44E FA . -24.13 -34.66 -14.47
H15 44E FA . -22.85 -35.05 -12.44
H16 44E FA . -22.66 -33.48 -12.40
H17 44E FA . -20.88 -33.76 -13.48
H18 44E FA . -21.23 -35.26 -13.80
H19 44E FA . -21.89 -34.83 -15.82
H20 44E FA . -22.34 -33.35 -15.46
C4 44E FA . -24.05 -31.54 -21.44
H21 44E FA . -20.16 -32.59 -15.57
C5 44E FA . -22.56 -31.50 -21.16
H22 44E FA . -19.62 -34.08 -15.77
C6 44E FA . -21.75 -32.08 -22.29
H23 44E FA . -20.49 -33.37 -16.92
H10 44E FA . -24.29 -32.44 -21.71
H24 44E FA . -24.25 -30.93 -22.18
H25 44E FA . -22.29 -30.57 -21.02
H26 44E FA . -22.38 -31.99 -20.34
H27 44E FA . -20.80 -32.02 -22.08
H28 44E FA . -22.00 -33.02 -22.42
H29 44E FA . -21.94 -31.59 -23.12
O13 44E GA . -22.51 -23.36 -1.49
P 44E GA . -23.41 -23.95 -2.54
O14 44E GA . -23.12 -23.28 -3.87
O12 44E GA . -24.86 -23.69 -2.22
O11 44E GA . -23.17 -25.53 -2.64
C1 44E GA . -22.35 -26.24 -1.73
C2 44E GA . -22.90 -27.60 -1.30
O21 44E GA . -23.98 -27.44 -0.37
C21 44E GA . -25.05 -28.37 -0.35
O22 44E GA . -26.16 -28.08 -0.78
C22 44E GA . -24.92 -29.76 0.22
C23 44E GA . -25.95 -30.05 1.27
C3 44E GA . -21.86 -28.44 -0.58
O31 44E GA . -20.49 -28.07 -0.75
C31 44E GA . -20.03 -26.99 0.01
O32 44E GA . -20.29 -26.89 1.19
C32 44E GA . -19.19 -25.96 -0.72
C33 44E GA . -19.40 -24.53 -0.29
C34 44E GA . -18.25 -24.01 0.55
C35 44E GA . -18.46 -24.29 2.02
C36 44E GA . -19.00 -23.09 2.76
H3 44E GA . -22.22 -25.69 -0.94
H4 44E GA . -21.47 -26.39 -2.15
H5 44E GA . -23.23 -28.08 -2.08
H6 44E GA . -24.04 -29.81 0.64
H7 44E GA . -24.96 -30.42 -0.49
H8 44E GA . -26.59 -30.71 0.93
H9 44E GA . -26.42 -29.22 1.46
H11 44E GA . -22.05 -28.44 0.38
H12 44E GA . -21.95 -29.37 -0.90
H13 44E GA . -19.42 -26.02 -1.66
H14 44E GA . -18.25 -26.20 -0.61
H15 44E GA . -19.50 -23.97 -1.08
H16 44E GA . -20.22 -24.47 0.24
H17 44E GA . -17.43 -24.47 0.27
H18 44E GA . -18.14 -23.05 0.40
H19 44E GA . -19.07 -25.04 2.12
H20 44E GA . -17.59 -24.53 2.42
C4 44E GA . -25.38 -30.56 2.57
H21 44E GA . -19.83 -22.78 2.31
C5 44E GA . -24.36 -29.68 3.28
H22 44E GA . -19.21 -23.34 3.68
C6 44E GA . -24.18 -28.25 2.81
H23 44E GA . -18.34 -22.36 2.75
H10 44E GA . -24.95 -31.43 2.40
H24 44E GA . -26.12 -30.71 3.18
H25 44E GA . -23.49 -30.12 3.22
H26 44E GA . -24.61 -29.65 4.23
H27 44E GA . -23.87 -28.25 1.87
H28 44E GA . -23.51 -27.81 3.37
H29 44E GA . -25.03 -27.78 2.86
C1 EDO HA . -21.42 -42.75 -4.12
O1 EDO HA . -21.17 -43.37 -5.39
C2 EDO HA . -22.28 -43.67 -3.27
O2 EDO HA . -22.50 -43.08 -1.98
H11 EDO HA . -20.46 -42.55 -3.61
H12 EDO HA . -21.93 -41.80 -4.26
HO1 EDO HA . -20.62 -42.78 -5.93
H21 EDO HA . -23.23 -43.85 -3.76
H22 EDO HA . -21.78 -44.63 -3.15
HO2 EDO HA . -23.04 -43.68 -1.44
C1 EDO IA . -15.34 -16.25 -4.89
O1 EDO IA . -14.96 -15.65 -6.13
C2 EDO IA . -15.21 -17.76 -5.00
O2 EDO IA . -15.60 -18.40 -3.78
H11 EDO IA . -14.69 -15.89 -4.10
H12 EDO IA . -16.37 -15.98 -4.65
HO1 EDO IA . -15.04 -14.68 -6.06
H21 EDO IA . -14.19 -18.03 -5.24
H22 EDO IA . -15.85 -18.12 -5.82
HO2 EDO IA . -15.52 -19.35 -3.86
C1 EDO JA . -13.51 -23.05 -1.96
O1 EDO JA . -12.41 -22.49 -2.67
C2 EDO JA . -13.09 -23.43 -0.55
O2 EDO JA . -12.32 -22.41 0.08
H11 EDO JA . -14.31 -22.31 -1.90
H12 EDO JA . -13.89 -23.92 -2.49
HO1 EDO JA . -12.68 -22.24 -3.56
H21 EDO JA . -13.98 -23.64 0.05
H22 EDO JA . -12.50 -24.35 -0.60
HO2 EDO JA . -12.07 -22.70 0.97
C1 EDO KA . -13.32 -20.89 -7.05
O1 EDO KA . -13.22 -19.58 -6.49
C2 EDO KA . -14.80 -21.19 -7.27
O2 EDO KA . -14.93 -22.36 -8.09
H11 EDO KA . -12.89 -21.63 -6.38
H12 EDO KA . -12.80 -20.93 -8.01
HO1 EDO KA . -12.29 -19.38 -6.34
H21 EDO KA . -15.29 -21.37 -6.31
H22 EDO KA . -15.29 -20.35 -7.75
HO2 EDO KA . -15.87 -22.56 -8.23
#